data_5OVI
#
_entry.id   5OVI
#
_cell.length_a   39.476
_cell.length_b   84.281
_cell.length_c   175.285
_cell.angle_alpha   90.00
_cell.angle_beta   90.00
_cell.angle_gamma   90.00
#
_symmetry.space_group_name_H-M   'P 21 21 21'
#
loop_
_entity.id
_entity.type
_entity.pdbx_description
1 polymer 'Son of sevenless homolog 1'
2 non-polymer 6,7-dimethoxy-2-methyl-~{N}-[(1~{R})-1-[4-[2-(methylaminomethyl)phenyl]thiophen-2-yl]ethyl]quinazolin-4-amine
3 non-polymer 1,2-ETHANEDIOL
4 water water
#
_entity_poly.entity_id   1
_entity_poly.type   'polypeptide(L)'
_entity_poly.pdbx_seq_one_letter_code
;GAMAEEQMRLPSADVYRFAEPDSEENIIFEENMQPKAGIPIIKAGTVIKLIERLTYHMYADPNFVRTFLTTYRSFCKPQE
LLSLIIERFEIPEPEPTEADRIAIENGDQPLSAELKRFRKEYIQPVQLRVLNVCRHWVEHHFYDFERDAYLLQRMEEFIG
TVRGKAMKKWVESITKIIQRKKIARDNGPGHNITFQSSPPTVEWHISRPGHIETFDLLTLHPIEIARQLTLLESDLYRAV
QPSELVGSVWTKEDKEINSPNLLKMIRHTTNLTLWFEKCIVETENLEERVAVVSRIIEILQVFQELNNFNGVLEVVSAMN
SSPVYRLDHTFEQIPSRQKKILEEAHELSEDHYKKYLAKLRSINPPCVPFFGIYLTNILKTEEGNPEVLKRHGKELINFS
KRRKVAEITGEIQQYQNQPYCLRVESDIKRFFENLNPMGNSMEKEFTDYLFNKSLEIEPRNPKPLPRFPKKYSYPLKSPG
VRPSNPRPGT
;
_entity_poly.pdbx_strand_id   A
#
# COMPACT_ATOMS: atom_id res chain seq x y z
N GLN A 7 -27.69 -0.54 32.65
CA GLN A 7 -27.80 0.69 31.79
C GLN A 7 -27.56 1.96 32.59
N MET A 8 -28.30 2.14 33.69
CA MET A 8 -28.14 3.32 34.56
C MET A 8 -26.94 3.23 35.52
N ARG A 9 -26.23 2.11 35.51
CA ARG A 9 -24.90 2.02 36.11
C ARG A 9 -23.86 2.87 35.33
N LEU A 10 -24.14 3.12 34.04
CA LEU A 10 -23.26 3.91 33.19
C LEU A 10 -23.52 5.41 33.39
N PRO A 11 -22.55 6.28 33.03
CA PRO A 11 -22.74 7.71 33.29
C PRO A 11 -23.82 8.36 32.42
N SER A 12 -24.45 9.42 32.94
CA SER A 12 -25.53 10.12 32.23
C SER A 12 -24.97 11.03 31.12
N ALA A 13 -25.83 11.34 30.16
CA ALA A 13 -25.44 12.05 28.93
C ALA A 13 -24.91 13.47 29.15
N ASP A 14 -25.35 14.14 30.22
CA ASP A 14 -24.91 15.50 30.53
C ASP A 14 -23.43 15.61 30.99
N VAL A 15 -22.84 14.49 31.41
CA VAL A 15 -21.43 14.44 31.84
C VAL A 15 -20.52 13.52 31.00
N TYR A 16 -21.07 12.77 30.04
CA TYR A 16 -20.30 11.77 29.28
C TYR A 16 -21.03 11.41 27.99
N ARG A 17 -20.32 11.43 26.86
CA ARG A 17 -20.93 11.24 25.52
C ARG A 17 -20.92 9.79 24.98
N PHE A 18 -20.19 8.89 25.62
CA PHE A 18 -20.00 7.53 25.10
C PHE A 18 -20.83 6.45 25.80
N ALA A 19 -21.94 6.84 26.42
CA ALA A 19 -22.80 5.90 27.14
C ALA A 19 -24.28 6.05 26.77
N GLU A 20 -24.56 6.54 25.57
CA GLU A 20 -25.92 6.56 25.05
C GLU A 20 -26.30 5.11 24.69
N PRO A 21 -27.57 4.71 24.95
CA PRO A 21 -27.98 3.37 24.52
C PRO A 21 -27.90 3.16 23.02
N ASP A 22 -27.59 1.94 22.60
CA ASP A 22 -27.61 1.59 21.18
C ASP A 22 -29.05 1.65 20.66
N SER A 23 -29.18 2.05 19.40
CA SER A 23 -30.44 1.95 18.67
C SER A 23 -30.11 1.77 17.19
N GLU A 24 -31.13 1.56 16.38
CA GLU A 24 -30.97 1.46 14.92
C GLU A 24 -30.49 2.77 14.28
N GLU A 25 -30.71 3.90 14.96
CA GLU A 25 -30.28 5.22 14.45
C GLU A 25 -28.90 5.73 14.93
N ASN A 26 -28.12 4.89 15.62
CA ASN A 26 -26.70 5.22 15.92
C ASN A 26 -25.65 4.13 15.64
N ILE A 27 -26.06 2.87 15.57
CA ILE A 27 -25.15 1.75 15.26
C ILE A 27 -25.90 0.60 14.60
N ILE A 28 -25.30 0.02 13.55
CA ILE A 28 -25.85 -1.12 12.80
C ILE A 28 -24.83 -2.26 12.78
N PHE A 29 -25.31 -3.49 12.92
CA PHE A 29 -24.48 -4.70 12.87
C PHE A 29 -24.73 -5.52 11.62
N GLU A 30 -23.80 -6.44 11.33
CA GLU A 30 -23.83 -7.29 10.14
C GLU A 30 -24.48 -8.63 10.46
N GLU A 31 -25.32 -9.13 9.55
CA GLU A 31 -26.00 -10.43 9.68
CA GLU A 31 -25.97 -10.44 9.68
C GLU A 31 -26.72 -10.60 11.02
N GLY A 38 -19.59 -15.38 19.87
CA GLY A 38 -19.08 -14.62 18.74
C GLY A 38 -19.19 -13.12 18.96
N ILE A 39 -18.13 -12.40 18.63
CA ILE A 39 -18.12 -10.93 18.71
C ILE A 39 -18.90 -10.38 17.51
N PRO A 40 -19.82 -9.40 17.73
CA PRO A 40 -20.57 -8.84 16.60
C PRO A 40 -19.71 -8.00 15.66
N ILE A 41 -20.12 -7.93 14.39
CA ILE A 41 -19.43 -7.18 13.36
C ILE A 41 -20.19 -5.88 13.11
N ILE A 42 -19.51 -4.74 13.24
CA ILE A 42 -20.13 -3.43 13.08
C ILE A 42 -20.23 -3.08 11.60
N LYS A 43 -21.45 -2.82 11.14
CA LYS A 43 -21.73 -2.44 9.75
C LYS A 43 -21.57 -0.94 9.57
N ALA A 44 -22.16 -0.18 10.49
CA ALA A 44 -22.13 1.26 10.44
C ALA A 44 -22.40 1.89 11.79
N GLY A 45 -22.09 3.18 11.90
CA GLY A 45 -22.36 3.92 13.13
C GLY A 45 -21.81 5.33 13.12
N THR A 46 -22.28 6.13 14.08
CA THR A 46 -21.73 7.46 14.31
C THR A 46 -20.30 7.28 14.80
N VAL A 47 -19.46 8.30 14.58
CA VAL A 47 -18.08 8.26 15.06
C VAL A 47 -18.02 8.00 16.58
N ILE A 48 -18.93 8.59 17.34
CA ILE A 48 -19.01 8.36 18.79
C ILE A 48 -19.27 6.88 19.11
N LYS A 49 -20.19 6.25 18.37
CA LYS A 49 -20.50 4.83 18.63
C LYS A 49 -19.36 3.92 18.15
N LEU A 50 -18.69 4.29 17.05
CA LEU A 50 -17.45 3.63 16.63
C LEU A 50 -16.35 3.71 17.72
N ILE A 51 -16.17 4.88 18.30
CA ILE A 51 -15.15 5.07 19.36
C ILE A 51 -15.50 4.25 20.61
N GLU A 52 -16.78 4.27 20.99
CA GLU A 52 -17.28 3.45 22.10
C GLU A 52 -16.91 1.97 21.91
N ARG A 53 -17.21 1.44 20.73
CA ARG A 53 -16.94 0.04 20.39
C ARG A 53 -15.46 -0.26 20.16
N LEU A 54 -14.71 0.75 19.72
CA LEU A 54 -13.23 0.66 19.63
C LEU A 54 -12.59 0.42 21.00
N THR A 55 -13.28 0.82 22.07
CA THR A 55 -12.80 0.72 23.44
C THR A 55 -13.91 0.15 24.36
N TYR A 56 -14.52 -0.95 23.92
CA TYR A 56 -15.70 -1.52 24.59
C TYR A 56 -15.29 -2.21 25.88
N HIS A 57 -16.08 -2.03 26.94
CA HIS A 57 -15.74 -2.56 28.26
C HIS A 57 -15.86 -4.09 28.37
N MET A 58 -16.76 -4.70 27.59
CA MET A 58 -17.08 -6.14 27.75
C MET A 58 -16.01 -7.10 27.19
N TYR A 59 -15.27 -6.66 26.17
CA TYR A 59 -14.25 -7.53 25.55
C TYR A 59 -13.27 -6.76 24.69
N ALA A 60 -12.08 -7.34 24.51
CA ALA A 60 -11.12 -6.88 23.51
C ALA A 60 -11.64 -7.25 22.12
N ASP A 61 -11.30 -6.43 21.13
CA ASP A 61 -11.76 -6.63 19.76
C ASP A 61 -10.62 -6.28 18.79
N PRO A 62 -9.55 -7.10 18.77
CA PRO A 62 -8.37 -6.80 17.96
C PRO A 62 -8.62 -6.60 16.45
N ASN A 63 -9.58 -7.34 15.89
CA ASN A 63 -9.92 -7.19 14.47
C ASN A 63 -10.48 -5.81 14.15
N PHE A 64 -11.38 -5.32 15.01
CA PHE A 64 -11.96 -4.00 14.83
C PHE A 64 -10.91 -2.90 15.03
N VAL A 65 -10.07 -3.06 16.05
CA VAL A 65 -8.99 -2.10 16.33
C VAL A 65 -8.07 -1.94 15.12
N ARG A 66 -7.62 -3.07 14.56
CA ARG A 66 -6.75 -3.06 13.39
C ARG A 66 -7.42 -2.38 12.19
N THR A 67 -8.64 -2.80 11.89
CA THR A 67 -9.40 -2.25 10.76
C THR A 67 -9.70 -0.75 10.98
N PHE A 68 -10.09 -0.36 12.19
CA PHE A 68 -10.33 1.06 12.52
C PHE A 68 -9.09 1.90 12.26
N LEU A 69 -7.96 1.51 12.85
CA LEU A 69 -6.73 2.32 12.76
C LEU A 69 -6.09 2.37 11.37
N THR A 70 -6.35 1.36 10.55
CA THR A 70 -5.97 1.41 9.13
C THR A 70 -6.83 2.42 8.32
N THR A 71 -8.13 2.52 8.65
CA THR A 71 -9.10 3.20 7.79
C THR A 71 -9.76 4.48 8.33
N TYR A 72 -9.45 4.86 9.58
CA TYR A 72 -10.20 5.96 10.23
C TYR A 72 -10.01 7.33 9.56
N ARG A 73 -8.90 7.52 8.86
CA ARG A 73 -8.59 8.81 8.23
C ARG A 73 -9.56 9.18 7.10
N SER A 74 -10.28 8.19 6.58
CA SER A 74 -11.37 8.41 5.61
C SER A 74 -12.64 9.01 6.23
N PHE A 75 -12.79 8.96 7.55
CA PHE A 75 -13.94 9.60 8.23
C PHE A 75 -13.61 10.49 9.44
N CYS A 76 -12.34 10.59 9.81
CA CYS A 76 -11.96 11.28 11.05
C CYS A 76 -10.48 11.64 11.02
N LYS A 77 -10.14 12.88 11.38
CA LYS A 77 -8.74 13.32 11.40
C LYS A 77 -7.98 12.72 12.59
N PRO A 78 -6.64 12.53 12.45
CA PRO A 78 -5.79 12.07 13.55
C PRO A 78 -5.95 12.87 14.85
N GLN A 79 -5.95 14.19 14.74
CA GLN A 79 -6.14 15.09 15.87
C GLN A 79 -7.49 14.86 16.55
N GLU A 80 -8.55 14.75 15.74
CA GLU A 80 -9.90 14.46 16.24
C GLU A 80 -9.98 13.10 16.93
N LEU A 81 -9.35 12.08 16.34
CA LEU A 81 -9.31 10.75 16.94
C LEU A 81 -8.68 10.79 18.32
N LEU A 82 -7.54 11.48 18.44
CA LEU A 82 -6.84 11.61 19.72
C LEU A 82 -7.71 12.31 20.78
N SER A 83 -8.39 13.38 20.38
CA SER A 83 -9.33 14.06 21.27
C SER A 83 -10.46 13.14 21.73
N LEU A 84 -11.00 12.35 20.81
CA LEU A 84 -12.13 11.46 21.13
C LEU A 84 -11.74 10.34 22.11
N ILE A 85 -10.59 9.69 21.89
CA ILE A 85 -10.16 8.61 22.78
C ILE A 85 -9.78 9.10 24.17
N ILE A 86 -9.23 10.31 24.26
CA ILE A 86 -8.96 10.97 25.55
C ILE A 86 -10.28 11.30 26.28
N GLU A 87 -11.27 11.79 25.53
CA GLU A 87 -12.60 12.06 26.11
C GLU A 87 -13.25 10.76 26.63
N ARG A 88 -13.12 9.67 25.87
CA ARG A 88 -13.57 8.33 26.28
C ARG A 88 -12.92 7.87 27.59
N PHE A 89 -11.63 8.17 27.75
CA PHE A 89 -10.83 7.83 28.94
C PHE A 89 -11.32 8.54 30.20
N GLU A 90 -11.73 9.80 30.06
CA GLU A 90 -12.12 10.64 31.20
C GLU A 90 -13.56 10.35 31.64
N ILE A 91 -13.73 9.23 32.34
CA ILE A 91 -15.05 8.76 32.75
C ILE A 91 -15.37 9.33 34.13
N PRO A 92 -16.52 10.03 34.26
CA PRO A 92 -16.92 10.52 35.60
C PRO A 92 -17.47 9.39 36.46
N GLU A 93 -17.22 9.47 37.77
CA GLU A 93 -17.70 8.47 38.72
C GLU A 93 -19.08 8.86 39.24
N PRO A 94 -19.93 7.86 39.56
CA PRO A 94 -21.25 8.18 40.10
C PRO A 94 -21.18 8.77 41.50
N GLU A 95 -22.25 9.45 41.91
CA GLU A 95 -22.32 10.08 43.23
C GLU A 95 -22.44 8.98 44.29
N PRO A 96 -22.03 9.27 45.54
CA PRO A 96 -22.22 8.27 46.59
C PRO A 96 -23.70 8.07 46.92
N THR A 97 -24.04 6.88 47.40
CA THR A 97 -25.41 6.59 47.83
C THR A 97 -25.76 7.44 49.04
N GLU A 98 -27.02 7.44 49.45
CA GLU A 98 -27.48 8.24 50.58
C GLU A 98 -26.84 7.81 51.90
N ALA A 99 -26.78 6.50 52.13
CA ALA A 99 -26.10 5.94 53.30
C ALA A 99 -24.62 6.33 53.33
N ASP A 100 -23.94 6.24 52.19
CA ASP A 100 -22.51 6.59 52.10
C ASP A 100 -22.22 8.09 52.22
N ARG A 101 -23.12 8.92 51.72
CA ARG A 101 -23.05 10.38 51.93
C ARG A 101 -23.06 10.69 53.43
N ILE A 102 -23.96 10.02 54.16
CA ILE A 102 -24.04 10.15 55.62
C ILE A 102 -22.76 9.66 56.29
N ALA A 103 -22.22 8.54 55.81
CA ALA A 103 -20.95 8.01 56.32
C ALA A 103 -19.79 8.99 56.09
N ILE A 104 -19.70 9.55 54.88
CA ILE A 104 -18.64 10.49 54.51
C ILE A 104 -18.69 11.77 55.36
N GLU A 105 -19.87 12.35 55.56
CA GLU A 105 -20.02 13.57 56.39
C GLU A 105 -19.79 13.33 57.89
N ASN A 106 -19.84 12.06 58.32
CA ASN A 106 -19.48 11.67 59.68
C ASN A 106 -17.97 11.37 59.86
N GLY A 107 -17.21 11.40 58.76
CA GLY A 107 -15.76 11.15 58.79
C GLY A 107 -15.33 9.70 58.62
N ASP A 108 -16.29 8.81 58.36
CA ASP A 108 -16.02 7.37 58.21
C ASP A 108 -15.84 6.98 56.74
N GLN A 109 -15.32 5.77 56.53
CA GLN A 109 -15.15 5.23 55.18
C GLN A 109 -16.50 4.72 54.66
N PRO A 110 -16.91 5.16 53.45
CA PRO A 110 -18.15 4.63 52.85
C PRO A 110 -17.97 3.20 52.34
N LEU A 111 -19.08 2.48 52.19
CA LEU A 111 -19.06 1.14 51.59
C LEU A 111 -18.65 1.24 50.11
N SER A 112 -19.34 2.10 49.37
CA SER A 112 -19.05 2.37 47.95
C SER A 112 -19.12 1.10 47.09
N ALA A 113 -20.14 0.28 47.32
CA ALA A 113 -20.25 -1.01 46.65
C ALA A 113 -20.39 -0.85 45.12
N GLU A 114 -21.31 0.00 44.68
CA GLU A 114 -21.53 0.23 43.25
C GLU A 114 -20.35 0.98 42.64
N LEU A 115 -19.88 2.02 43.33
CA LEU A 115 -18.73 2.79 42.89
C LEU A 115 -17.51 1.90 42.62
N LYS A 116 -17.21 1.01 43.56
CA LYS A 116 -16.09 0.06 43.40
C LYS A 116 -16.29 -0.91 42.24
N ARG A 117 -17.52 -1.41 42.08
CA ARG A 117 -17.89 -2.30 40.97
C ARG A 117 -17.74 -1.58 39.62
N PHE A 118 -18.29 -0.37 39.55
CA PHE A 118 -18.20 0.48 38.37
C PHE A 118 -16.75 0.75 37.95
N ARG A 119 -15.88 1.01 38.93
CA ARG A 119 -14.45 1.19 38.65
C ARG A 119 -13.83 -0.07 38.07
N LYS A 120 -14.12 -1.21 38.69
CA LYS A 120 -13.55 -2.49 38.28
C LYS A 120 -14.09 -2.99 36.94
N GLU A 121 -15.40 -2.88 36.73
CA GLU A 121 -16.08 -3.49 35.57
C GLU A 121 -16.30 -2.56 34.37
N TYR A 122 -16.16 -1.25 34.56
CA TYR A 122 -16.34 -0.28 33.48
C TYR A 122 -15.15 0.67 33.30
N ILE A 123 -14.83 1.48 34.33
CA ILE A 123 -13.80 2.51 34.17
C ILE A 123 -12.45 1.87 33.80
N GLN A 124 -12.00 0.91 34.59
CA GLN A 124 -10.68 0.31 34.38
C GLN A 124 -10.53 -0.42 33.03
N PRO A 125 -11.51 -1.26 32.64
CA PRO A 125 -11.47 -1.87 31.32
C PRO A 125 -11.42 -0.88 30.16
N VAL A 126 -12.29 0.12 30.17
CA VAL A 126 -12.35 1.14 29.10
C VAL A 126 -11.02 1.87 28.98
N GLN A 127 -10.48 2.33 30.10
CA GLN A 127 -9.19 3.03 30.13
C GLN A 127 -8.04 2.19 29.58
N LEU A 128 -7.99 0.91 29.95
CA LEU A 128 -7.00 -0.02 29.41
C LEU A 128 -7.15 -0.19 27.89
N ARG A 129 -8.39 -0.23 27.40
CA ARG A 129 -8.64 -0.31 25.96
C ARG A 129 -8.31 0.98 25.20
N VAL A 130 -8.46 2.14 25.84
CA VAL A 130 -7.95 3.39 25.26
C VAL A 130 -6.42 3.34 25.10
N LEU A 131 -5.73 2.83 26.12
CA LEU A 131 -4.27 2.69 26.05
C LEU A 131 -3.85 1.62 25.04
N ASN A 132 -4.64 0.55 24.91
CA ASN A 132 -4.41 -0.46 23.86
C ASN A 132 -4.50 0.15 22.46
N VAL A 133 -5.49 1.02 22.24
CA VAL A 133 -5.60 1.78 20.99
C VAL A 133 -4.36 2.64 20.76
N CYS A 134 -3.92 3.36 21.80
CA CYS A 134 -2.71 4.17 21.71
C CYS A 134 -1.48 3.33 21.32
N ARG A 135 -1.36 2.13 21.89
CA ARG A 135 -0.23 1.23 21.60
C ARG A 135 -0.23 0.73 20.16
N HIS A 136 -1.39 0.26 19.69
CA HIS A 136 -1.56 -0.16 18.30
C HIS A 136 -1.31 1.02 17.34
N TRP A 137 -1.77 2.20 17.73
CA TRP A 137 -1.62 3.42 16.92
C TRP A 137 -0.14 3.76 16.69
N VAL A 138 0.63 3.82 17.76
CA VAL A 138 2.07 4.13 17.64
C VAL A 138 2.88 2.98 17.04
N GLU A 139 2.47 1.73 17.28
CA GLU A 139 3.18 0.56 16.74
C GLU A 139 3.01 0.45 15.23
N HIS A 140 1.76 0.54 14.76
CA HIS A 140 1.46 0.21 13.36
C HIS A 140 1.18 1.41 12.46
N HIS A 141 1.04 2.61 13.04
CA HIS A 141 0.73 3.81 12.26
C HIS A 141 1.50 5.04 12.78
N PHE A 142 2.80 4.86 13.05
CA PHE A 142 3.60 5.95 13.61
C PHE A 142 3.79 7.13 12.67
N TYR A 143 3.68 6.88 11.36
CA TYR A 143 3.67 7.96 10.35
C TYR A 143 2.71 9.12 10.66
N ASP A 144 1.57 8.83 11.29
CA ASP A 144 0.66 9.90 11.77
C ASP A 144 1.42 10.90 12.62
N PHE A 145 2.19 10.37 13.55
CA PHE A 145 2.94 11.18 14.52
C PHE A 145 4.18 11.82 13.91
N GLU A 146 4.77 11.18 12.89
CA GLU A 146 5.89 11.76 12.12
C GLU A 146 5.44 12.95 11.27
N ARG A 147 4.25 12.85 10.68
CA ARG A 147 3.67 13.94 9.87
C ARG A 147 3.13 15.11 10.69
N ASP A 148 2.87 14.88 11.97
CA ASP A 148 2.27 15.89 12.83
C ASP A 148 2.91 15.80 14.24
N ALA A 149 3.92 16.63 14.46
CA ALA A 149 4.67 16.65 15.72
C ALA A 149 3.81 17.08 16.92
N TYR A 150 2.86 17.98 16.66
CA TYR A 150 1.89 18.42 17.69
C TYR A 150 1.01 17.26 18.18
N LEU A 151 0.61 16.36 17.27
CA LEU A 151 -0.14 15.13 17.64
C LEU A 151 0.67 14.23 18.57
N LEU A 152 1.95 14.09 18.28
CA LEU A 152 2.86 13.32 19.13
C LEU A 152 3.02 13.97 20.51
N GLN A 153 3.21 15.29 20.52
CA GLN A 153 3.30 16.05 21.77
C GLN A 153 2.04 15.85 22.63
N ARG A 154 0.88 15.86 22.00
CA ARG A 154 -0.39 15.59 22.68
C ARG A 154 -0.46 14.17 23.24
N MET A 155 -0.01 13.20 22.46
CA MET A 155 -0.02 11.80 22.89
C MET A 155 0.90 11.61 24.11
N GLU A 156 2.09 12.19 24.05
CA GLU A 156 3.09 12.04 25.13
C GLU A 156 2.70 12.73 26.43
N GLU A 157 1.98 13.86 26.34
CA GLU A 157 1.41 14.53 27.52
C GLU A 157 0.32 13.67 28.16
N PHE A 158 -0.57 13.15 27.31
CA PHE A 158 -1.65 12.28 27.78
C PHE A 158 -1.13 11.03 28.48
N ILE A 159 -0.26 10.30 27.78
CA ILE A 159 0.35 9.06 28.29
C ILE A 159 1.22 9.33 29.51
N GLY A 160 1.90 10.47 29.51
CA GLY A 160 2.75 10.88 30.64
C GLY A 160 2.01 11.27 31.91
N THR A 161 0.74 11.66 31.81
CA THR A 161 -0.05 12.09 32.97
C THR A 161 -1.05 11.03 33.47
N VAL A 162 -1.07 9.85 32.84
CA VAL A 162 -1.86 8.71 33.35
C VAL A 162 -1.27 8.26 34.69
N ARG A 163 -2.14 7.91 35.63
CA ARG A 163 -1.76 7.52 37.00
C ARG A 163 -2.37 6.16 37.34
N GLY A 164 -1.55 5.25 37.86
CA GLY A 164 -2.00 3.90 38.20
C GLY A 164 -0.90 2.85 38.16
N LYS A 165 -1.24 1.67 38.68
CA LYS A 165 -0.29 0.53 38.80
C LYS A 165 -0.52 -0.49 37.68
N ALA A 166 -1.79 -0.76 37.35
CA ALA A 166 -2.14 -1.49 36.13
C ALA A 166 -1.78 -0.67 34.88
N MET A 167 -1.90 0.66 34.99
CA MET A 167 -1.72 1.56 33.87
C MET A 167 -0.24 1.76 33.49
N LYS A 168 0.66 1.79 34.48
CA LYS A 168 2.08 2.10 34.23
C LYS A 168 2.78 1.10 33.30
N LYS A 169 2.39 -0.18 33.38
CA LYS A 169 2.83 -1.21 32.43
C LYS A 169 2.54 -0.80 30.99
N TRP A 170 1.28 -0.42 30.74
CA TRP A 170 0.86 0.05 29.41
C TRP A 170 1.56 1.34 29.00
N VAL A 171 1.75 2.26 29.95
CA VAL A 171 2.43 3.53 29.65
C VAL A 171 3.87 3.27 29.18
N GLU A 172 4.61 2.51 29.98
CA GLU A 172 6.01 2.17 29.65
C GLU A 172 6.10 1.44 28.32
N SER A 173 5.20 0.49 28.10
CA SER A 173 5.07 -0.23 26.82
C SER A 173 4.89 0.73 25.64
N ILE A 174 3.98 1.68 25.77
CA ILE A 174 3.71 2.66 24.71
C ILE A 174 4.91 3.59 24.50
N THR A 175 5.51 4.05 25.59
CA THR A 175 6.71 4.88 25.54
C THR A 175 7.88 4.12 24.91
N LYS A 176 7.98 2.83 25.19
CA LYS A 176 9.00 1.97 24.57
C LYS A 176 8.92 2.03 23.04
N ILE A 177 7.71 1.90 22.52
CA ILE A 177 7.48 1.87 21.07
C ILE A 177 7.79 3.23 20.45
N ILE A 178 7.33 4.31 21.09
CA ILE A 178 7.57 5.68 20.59
C ILE A 178 9.07 5.95 20.40
N GLN A 179 9.89 5.50 21.35
CA GLN A 179 11.34 5.69 21.28
C GLN A 179 12.03 4.86 20.17
N ARG A 180 11.61 3.60 19.98
CA ARG A 180 12.12 2.79 18.87
C ARG A 180 11.86 3.47 17.52
N LYS A 181 10.63 3.98 17.36
CA LYS A 181 10.19 4.61 16.11
C LYS A 181 10.94 5.91 15.81
N LYS A 182 11.26 6.68 16.85
CA LYS A 182 12.13 7.86 16.71
C LYS A 182 13.56 7.49 16.31
N ILE A 183 14.09 6.44 16.94
CA ILE A 183 15.46 5.94 16.65
C ILE A 183 15.58 5.38 15.22
N ALA A 184 14.50 4.82 14.69
CA ALA A 184 14.47 4.33 13.30
C ALA A 184 14.67 5.44 12.26
N ARG A 185 14.18 6.65 12.54
CA ARG A 185 14.30 7.79 11.61
C ARG A 185 15.71 8.42 11.62
N ASP A 186 16.36 8.46 12.79
CA ASP A 186 17.72 9.01 12.91
C ASP A 186 18.76 8.15 12.18
N THR A 194 20.92 -10.41 7.44
CA THR A 194 20.31 -10.57 6.12
C THR A 194 21.12 -11.54 5.24
N PHE A 195 20.51 -11.94 4.13
CA PHE A 195 21.03 -12.99 3.22
C PHE A 195 21.09 -14.37 3.87
N GLN A 196 20.23 -15.28 3.41
CA GLN A 196 20.23 -16.67 3.89
C GLN A 196 21.35 -17.47 3.21
N SER A 197 21.35 -17.45 1.88
CA SER A 197 22.39 -18.08 1.05
C SER A 197 23.25 -17.02 0.37
N SER A 198 24.27 -17.47 -0.36
CA SER A 198 25.11 -16.58 -1.16
C SER A 198 24.38 -16.20 -2.44
N PRO A 199 24.29 -14.88 -2.76
CA PRO A 199 23.61 -14.49 -3.99
C PRO A 199 24.46 -14.79 -5.24
N PRO A 200 23.82 -14.88 -6.42
CA PRO A 200 24.57 -15.18 -7.65
C PRO A 200 25.46 -14.03 -8.10
N THR A 201 26.36 -14.32 -9.03
CA THR A 201 27.28 -13.30 -9.57
C THR A 201 26.49 -12.25 -10.35
N VAL A 202 26.87 -10.99 -10.17
CA VAL A 202 26.27 -9.88 -10.92
C VAL A 202 26.68 -10.02 -12.39
N GLU A 203 25.70 -10.01 -13.29
CA GLU A 203 25.94 -10.20 -14.73
C GLU A 203 26.20 -8.87 -15.42
N TRP A 204 27.19 -8.86 -16.30
CA TRP A 204 27.50 -7.72 -17.17
C TRP A 204 27.52 -8.19 -18.62
N HIS A 205 27.28 -7.27 -19.55
CA HIS A 205 27.20 -7.58 -20.98
C HIS A 205 28.19 -6.68 -21.77
N ILE A 206 27.74 -5.51 -22.23
CA ILE A 206 28.60 -4.60 -22.99
C ILE A 206 29.16 -3.50 -22.06
N SER A 207 28.29 -2.83 -21.32
CA SER A 207 28.72 -1.81 -20.36
C SER A 207 29.58 -2.42 -19.26
N ARG A 208 30.77 -1.84 -19.05
CA ARG A 208 31.64 -2.27 -17.95
C ARG A 208 31.13 -1.72 -16.60
N PRO A 209 31.47 -2.41 -15.48
CA PRO A 209 31.19 -1.85 -14.15
C PRO A 209 31.78 -0.45 -14.00
N GLY A 210 30.95 0.52 -13.61
CA GLY A 210 31.40 1.90 -13.40
C GLY A 210 31.17 2.85 -14.56
N HIS A 211 31.24 2.36 -15.80
CA HIS A 211 31.03 3.19 -16.99
CA HIS A 211 31.03 3.20 -16.98
C HIS A 211 29.53 3.49 -17.15
N ILE A 212 29.01 4.36 -16.27
CA ILE A 212 27.58 4.66 -16.20
C ILE A 212 27.02 5.40 -17.42
N GLU A 213 27.88 6.12 -18.14
CA GLU A 213 27.46 6.92 -19.29
C GLU A 213 26.99 6.04 -20.47
N THR A 214 27.43 4.77 -20.52
CA THR A 214 27.02 3.81 -21.56
C THR A 214 25.85 2.89 -21.16
N PHE A 215 25.30 3.06 -19.95
CA PHE A 215 24.21 2.21 -19.46
C PHE A 215 22.95 2.46 -20.28
N ASP A 216 22.36 1.39 -20.80
CA ASP A 216 21.15 1.46 -21.63
C ASP A 216 20.45 0.10 -21.69
N LEU A 217 19.31 0.06 -22.36
CA LEU A 217 18.51 -1.17 -22.49
C LEU A 217 19.32 -2.34 -23.04
N LEU A 218 20.10 -2.11 -24.09
CA LEU A 218 20.82 -3.17 -24.81
C LEU A 218 22.26 -3.41 -24.35
N THR A 219 22.81 -2.50 -23.54
CA THR A 219 24.21 -2.56 -23.12
C THR A 219 24.39 -3.22 -21.75
N LEU A 220 23.42 -3.01 -20.86
CA LEU A 220 23.35 -3.77 -19.61
C LEU A 220 22.89 -5.18 -19.92
N HIS A 221 23.19 -6.13 -19.04
CA HIS A 221 22.81 -7.53 -19.23
C HIS A 221 21.34 -7.69 -18.86
N PRO A 222 20.51 -8.31 -19.73
CA PRO A 222 19.07 -8.40 -19.45
C PRO A 222 18.70 -9.05 -18.11
N ILE A 223 19.41 -10.12 -17.76
CA ILE A 223 19.31 -10.73 -16.42
C ILE A 223 19.46 -9.68 -15.32
N GLU A 224 20.53 -8.89 -15.40
CA GLU A 224 20.82 -7.91 -14.35
C GLU A 224 19.81 -6.74 -14.36
N ILE A 225 19.26 -6.42 -15.52
CA ILE A 225 18.18 -5.44 -15.60
C ILE A 225 16.98 -5.93 -14.79
N ALA A 226 16.55 -7.16 -15.06
CA ALA A 226 15.44 -7.80 -14.35
C ALA A 226 15.70 -7.91 -12.83
N ARG A 227 16.89 -8.33 -12.44
CA ARG A 227 17.28 -8.46 -11.03
C ARG A 227 17.21 -7.15 -10.27
N GLN A 228 17.86 -6.12 -10.81
CA GLN A 228 17.92 -4.81 -10.14
C GLN A 228 16.57 -4.10 -10.13
N LEU A 229 15.78 -4.27 -11.18
CA LEU A 229 14.39 -3.77 -11.18
C LEU A 229 13.54 -4.51 -10.15
N THR A 230 13.77 -5.81 -10.00
CA THR A 230 13.04 -6.61 -9.01
C THR A 230 13.40 -6.18 -7.58
N LEU A 231 14.68 -5.94 -7.30
CA LEU A 231 15.11 -5.37 -6.01
C LEU A 231 14.46 -4.02 -5.74
N LEU A 232 14.49 -3.15 -6.75
CA LEU A 232 13.89 -1.82 -6.64
C LEU A 232 12.37 -1.89 -6.40
N GLU A 233 11.69 -2.70 -7.20
CA GLU A 233 10.24 -2.87 -7.09
C GLU A 233 9.82 -3.59 -5.81
N SER A 234 10.58 -4.62 -5.40
CA SER A 234 10.36 -5.26 -4.11
C SER A 234 10.40 -4.22 -2.98
N ASP A 235 11.44 -3.39 -2.97
CA ASP A 235 11.57 -2.30 -1.97
C ASP A 235 10.40 -1.32 -2.02
N LEU A 236 10.01 -0.90 -3.22
CA LEU A 236 8.87 0.00 -3.38
C LEU A 236 7.55 -0.66 -2.93
N TYR A 237 7.38 -1.94 -3.26
CA TYR A 237 6.19 -2.71 -2.81
C TYR A 237 6.11 -2.79 -1.27
N ARG A 238 7.23 -3.08 -0.63
CA ARG A 238 7.27 -3.30 0.81
C ARG A 238 7.08 -2.02 1.64
N ALA A 239 7.34 -0.85 1.04
CA ALA A 239 7.19 0.43 1.73
C ALA A 239 5.77 1.00 1.78
N VAL A 240 4.84 0.41 1.01
CA VAL A 240 3.46 0.94 0.94
C VAL A 240 2.66 0.52 2.17
N GLN A 241 2.15 1.51 2.89
CA GLN A 241 1.28 1.29 4.05
C GLN A 241 -0.19 1.23 3.61
N PRO A 242 -0.98 0.34 4.24
CA PRO A 242 -2.41 0.20 3.92
C PRO A 242 -3.23 1.51 3.87
N SER A 243 -2.97 2.41 4.81
CA SER A 243 -3.69 3.69 4.89
C SER A 243 -3.48 4.62 3.69
N GLU A 244 -2.38 4.43 2.96
CA GLU A 244 -2.11 5.18 1.72
C GLU A 244 -3.12 4.87 0.59
N LEU A 245 -3.79 3.71 0.68
CA LEU A 245 -4.79 3.27 -0.29
C LEU A 245 -6.23 3.59 0.11
N VAL A 246 -6.47 3.85 1.39
CA VAL A 246 -7.84 4.01 1.91
C VAL A 246 -8.44 5.35 1.47
N GLY A 247 -9.74 5.33 1.19
CA GLY A 247 -10.49 6.54 0.81
C GLY A 247 -10.00 7.23 -0.46
N SER A 248 -9.33 6.48 -1.33
CA SER A 248 -8.71 6.99 -2.55
C SER A 248 -7.86 8.25 -2.32
N VAL A 249 -7.13 8.29 -1.21
CA VAL A 249 -6.38 9.51 -0.81
C VAL A 249 -5.21 9.87 -1.73
N TRP A 250 -4.70 8.89 -2.47
CA TRP A 250 -3.62 9.13 -3.44
C TRP A 250 -4.09 9.89 -4.69
N THR A 251 -5.41 9.97 -4.90
CA THR A 251 -6.02 10.83 -5.94
C THR A 251 -6.51 12.19 -5.42
N LYS A 252 -6.79 12.29 -4.12
CA LYS A 252 -7.16 13.56 -3.46
C LYS A 252 -6.00 14.58 -3.42
N GLU A 253 -6.31 15.79 -2.98
CA GLU A 253 -5.37 16.93 -3.02
C GLU A 253 -4.19 16.84 -2.05
N ASP A 254 -4.30 16.03 -1.00
CA ASP A 254 -3.20 15.81 -0.03
C ASP A 254 -2.38 14.53 -0.32
N LYS A 255 -2.38 14.08 -1.58
CA LYS A 255 -1.75 12.80 -1.98
C LYS A 255 -0.28 12.65 -1.58
N GLU A 256 0.49 13.75 -1.65
CA GLU A 256 1.94 13.70 -1.47
CA GLU A 256 1.93 13.72 -1.47
C GLU A 256 2.33 13.41 -0.02
N ILE A 257 1.53 13.88 0.93
CA ILE A 257 1.78 13.63 2.36
C ILE A 257 1.18 12.29 2.78
N ASN A 258 -0.04 12.01 2.31
CA ASN A 258 -0.81 10.83 2.73
C ASN A 258 -0.40 9.52 2.06
N SER A 259 0.06 9.60 0.80
CA SER A 259 0.40 8.40 0.01
C SER A 259 1.78 8.49 -0.68
N PRO A 260 2.85 8.79 0.08
CA PRO A 260 4.17 9.02 -0.53
C PRO A 260 4.77 7.77 -1.18
N ASN A 261 4.65 6.62 -0.53
CA ASN A 261 5.27 5.38 -1.01
C ASN A 261 4.48 4.82 -2.19
N LEU A 262 3.16 4.86 -2.07
CA LEU A 262 2.26 4.50 -3.17
C LEU A 262 2.55 5.30 -4.44
N LEU A 263 2.69 6.61 -4.31
CA LEU A 263 2.99 7.47 -5.46
C LEU A 263 4.36 7.19 -6.07
N LYS A 264 5.35 6.84 -5.25
CA LYS A 264 6.65 6.39 -5.76
C LYS A 264 6.50 5.11 -6.60
N MET A 265 5.71 4.15 -6.11
CA MET A 265 5.45 2.89 -6.82
C MET A 265 4.80 3.16 -8.19
N ILE A 266 3.76 3.99 -8.19
CA ILE A 266 3.01 4.34 -9.41
C ILE A 266 3.90 5.07 -10.43
N ARG A 267 4.72 6.01 -9.93
CA ARG A 267 5.60 6.80 -10.79
C ARG A 267 6.72 5.97 -11.42
N HIS A 268 7.27 5.02 -10.65
CA HIS A 268 8.25 4.08 -11.20
C HIS A 268 7.64 3.28 -12.34
N THR A 269 6.45 2.74 -12.11
CA THR A 269 5.73 1.95 -13.12
C THR A 269 5.45 2.76 -14.38
N THR A 270 5.04 4.00 -14.22
CA THR A 270 4.83 4.91 -15.34
C THR A 270 6.15 5.14 -16.09
N ASN A 271 7.21 5.46 -15.35
CA ASN A 271 8.50 5.76 -15.97
C ASN A 271 9.12 4.55 -16.66
N LEU A 272 9.04 3.38 -16.02
CA LEU A 272 9.59 2.17 -16.62
C LEU A 272 8.81 1.78 -17.86
N THR A 273 7.48 1.76 -17.75
CA THR A 273 6.62 1.36 -18.86
C THR A 273 6.84 2.29 -20.05
N LEU A 274 6.80 3.60 -19.80
CA LEU A 274 7.01 4.59 -20.86
C LEU A 274 8.45 4.57 -21.40
N TRP A 275 9.43 4.24 -20.55
CA TRP A 275 10.79 4.01 -21.03
C TRP A 275 10.86 2.86 -22.05
N PHE A 276 10.24 1.72 -21.74
CA PHE A 276 10.18 0.59 -22.68
C PHE A 276 9.59 1.04 -24.03
N GLU A 277 8.48 1.78 -23.98
CA GLU A 277 7.82 2.30 -25.19
C GLU A 277 8.73 3.21 -25.99
N LYS A 278 9.39 4.13 -25.28
CA LYS A 278 10.35 5.07 -25.88
C LYS A 278 11.50 4.35 -26.58
N CYS A 279 12.10 3.38 -25.90
CA CYS A 279 13.16 2.55 -26.49
C CYS A 279 12.71 1.86 -27.78
N ILE A 280 11.48 1.38 -27.79
CA ILE A 280 10.92 0.70 -28.97
C ILE A 280 10.72 1.67 -30.12
N VAL A 281 9.85 2.65 -29.95
CA VAL A 281 9.42 3.52 -31.07
C VAL A 281 10.51 4.49 -31.57
N GLU A 282 11.41 4.93 -30.69
CA GLU A 282 12.57 5.71 -31.13
C GLU A 282 13.70 4.91 -31.78
N THR A 283 13.57 3.58 -31.81
CA THR A 283 14.45 2.72 -32.62
C THR A 283 13.79 2.53 -33.98
N GLU A 284 14.18 3.37 -34.94
CA GLU A 284 13.48 3.46 -36.23
C GLU A 284 13.84 2.36 -37.21
N ASN A 285 15.08 1.88 -37.18
CA ASN A 285 15.47 0.73 -37.97
C ASN A 285 14.70 -0.51 -37.50
N LEU A 286 14.00 -1.16 -38.43
CA LEU A 286 13.16 -2.32 -38.12
C LEU A 286 13.92 -3.43 -37.38
N GLU A 287 15.06 -3.82 -37.96
CA GLU A 287 15.83 -4.94 -37.42
CA GLU A 287 15.90 -4.92 -37.44
C GLU A 287 16.39 -4.61 -36.03
N GLU A 288 16.81 -3.37 -35.79
CA GLU A 288 17.24 -2.92 -34.46
C GLU A 288 16.08 -2.92 -33.45
N ARG A 289 14.90 -2.50 -33.90
CA ARG A 289 13.70 -2.48 -33.07
C ARG A 289 13.25 -3.88 -32.67
N VAL A 290 13.43 -4.84 -33.58
CA VAL A 290 13.19 -6.26 -33.28
C VAL A 290 14.08 -6.69 -32.11
N ALA A 291 15.36 -6.33 -32.17
CA ALA A 291 16.29 -6.63 -31.08
C ALA A 291 15.84 -6.00 -29.76
N VAL A 292 15.34 -4.75 -29.82
CA VAL A 292 14.83 -4.04 -28.64
C VAL A 292 13.61 -4.75 -28.02
N VAL A 293 12.62 -5.08 -28.86
CA VAL A 293 11.41 -5.77 -28.40
C VAL A 293 11.81 -7.14 -27.83
N SER A 294 12.65 -7.85 -28.56
CA SER A 294 13.13 -9.17 -28.12
C SER A 294 13.86 -9.14 -26.76
N ARG A 295 14.65 -8.09 -26.52
CA ARG A 295 15.38 -7.92 -25.25
C ARG A 295 14.45 -7.62 -24.09
N ILE A 296 13.39 -6.83 -24.34
CA ILE A 296 12.38 -6.55 -23.34
C ILE A 296 11.60 -7.82 -22.97
N ILE A 297 11.34 -8.69 -23.95
CA ILE A 297 10.70 -10.00 -23.69
C ILE A 297 11.64 -10.90 -22.86
N GLU A 298 12.95 -10.86 -23.12
CA GLU A 298 13.91 -11.58 -22.29
C GLU A 298 13.93 -11.06 -20.84
N ILE A 299 13.84 -9.74 -20.69
CA ILE A 299 13.70 -9.13 -19.36
C ILE A 299 12.42 -9.62 -18.68
N LEU A 300 11.33 -9.75 -19.45
CA LEU A 300 10.09 -10.36 -18.97
C LEU A 300 10.32 -11.80 -18.51
N GLN A 301 11.03 -12.60 -19.31
CA GLN A 301 11.37 -13.98 -18.93
C GLN A 301 12.06 -14.06 -17.59
N VAL A 302 13.02 -13.17 -17.33
CA VAL A 302 13.75 -13.19 -16.07
C VAL A 302 12.88 -12.70 -14.90
N PHE A 303 12.00 -11.72 -15.14
CA PHE A 303 10.99 -11.32 -14.15
C PHE A 303 10.14 -12.53 -13.73
N GLN A 304 9.70 -13.32 -14.72
CA GLN A 304 8.97 -14.58 -14.51
C GLN A 304 9.75 -15.54 -13.61
N GLU A 305 11.02 -15.78 -13.94
CA GLU A 305 11.90 -16.64 -13.12
C GLU A 305 11.92 -16.19 -11.65
N LEU A 306 11.95 -14.87 -11.44
CA LEU A 306 12.01 -14.25 -10.11
C LEU A 306 10.65 -14.09 -9.40
N ASN A 307 9.56 -14.51 -10.02
CA ASN A 307 8.20 -14.23 -9.53
C ASN A 307 7.94 -12.73 -9.31
N ASN A 308 8.54 -11.89 -10.14
CA ASN A 308 8.21 -10.48 -10.15
C ASN A 308 7.06 -10.26 -11.12
N PHE A 309 5.85 -10.53 -10.64
CA PHE A 309 4.64 -10.37 -11.45
C PHE A 309 4.37 -8.90 -11.77
N ASN A 310 4.73 -8.01 -10.85
CA ASN A 310 4.68 -6.56 -11.13
C ASN A 310 5.46 -6.18 -12.40
N GLY A 311 6.68 -6.70 -12.50
CA GLY A 311 7.54 -6.47 -13.67
C GLY A 311 7.05 -7.12 -14.96
N VAL A 312 6.54 -8.34 -14.85
CA VAL A 312 5.97 -9.03 -16.00
C VAL A 312 4.83 -8.19 -16.60
N LEU A 313 3.95 -7.72 -15.74
CA LEU A 313 2.78 -6.97 -16.18
C LEU A 313 3.09 -5.51 -16.57
N GLU A 314 4.21 -4.98 -16.11
CA GLU A 314 4.74 -3.73 -16.65
C GLU A 314 5.19 -3.88 -18.11
N VAL A 315 5.86 -4.99 -18.44
CA VAL A 315 6.27 -5.26 -19.82
C VAL A 315 5.02 -5.46 -20.70
N VAL A 316 4.08 -6.26 -20.22
CA VAL A 316 2.79 -6.49 -20.88
C VAL A 316 2.09 -5.15 -21.18
N SER A 317 2.07 -4.28 -20.18
CA SER A 317 1.48 -2.95 -20.32
C SER A 317 2.14 -2.14 -21.45
N ALA A 318 3.47 -2.16 -21.51
CA ALA A 318 4.22 -1.48 -22.59
C ALA A 318 3.94 -2.07 -23.97
N MET A 319 3.87 -3.40 -24.05
CA MET A 319 3.62 -4.08 -25.32
C MET A 319 2.18 -3.91 -25.82
N ASN A 320 1.24 -3.67 -24.90
CA ASN A 320 -0.15 -3.39 -25.24
C ASN A 320 -0.48 -1.92 -25.53
N SER A 321 0.44 -1.00 -25.20
CA SER A 321 0.25 0.43 -25.45
C SER A 321 0.00 0.73 -26.92
N SER A 322 -0.79 1.76 -27.19
CA SER A 322 -1.13 2.17 -28.57
C SER A 322 0.07 2.22 -29.51
N PRO A 323 1.18 2.89 -29.09
CA PRO A 323 2.33 2.99 -29.99
C PRO A 323 3.01 1.67 -30.34
N VAL A 324 3.05 0.72 -29.40
CA VAL A 324 3.80 -0.52 -29.56
C VAL A 324 2.95 -1.63 -30.17
N TYR A 325 1.73 -1.80 -29.67
CA TYR A 325 0.89 -2.94 -30.05
C TYR A 325 0.58 -3.00 -31.55
N ARG A 326 0.54 -1.84 -32.19
CA ARG A 326 0.35 -1.75 -33.64
C ARG A 326 1.56 -2.11 -34.50
N LEU A 327 2.75 -2.28 -33.91
CA LEU A 327 3.99 -2.50 -34.68
C LEU A 327 4.12 -3.95 -35.17
N ASP A 328 3.25 -4.32 -36.10
CA ASP A 328 3.11 -5.73 -36.51
C ASP A 328 4.29 -6.25 -37.34
N HIS A 329 4.99 -5.38 -38.06
CA HIS A 329 6.22 -5.76 -38.76
C HIS A 329 7.32 -6.16 -37.76
N THR A 330 7.36 -5.49 -36.61
CA THR A 330 8.35 -5.79 -35.58
C THR A 330 8.05 -7.15 -34.94
N PHE A 331 6.83 -7.34 -34.47
CA PHE A 331 6.44 -8.58 -33.79
C PHE A 331 6.52 -9.82 -34.69
N GLU A 332 6.31 -9.65 -36.00
CA GLU A 332 6.45 -10.74 -36.98
C GLU A 332 7.82 -11.43 -36.93
N GLN A 333 8.88 -10.66 -36.72
CA GLN A 333 10.25 -11.20 -36.68
C GLN A 333 10.66 -11.80 -35.32
N ILE A 334 9.84 -11.62 -34.29
CA ILE A 334 10.13 -12.15 -32.95
C ILE A 334 9.99 -13.68 -32.99
N PRO A 335 11.04 -14.42 -32.53
CA PRO A 335 10.94 -15.90 -32.58
C PRO A 335 9.70 -16.44 -31.85
N SER A 336 9.11 -17.50 -32.41
CA SER A 336 7.86 -18.09 -31.91
C SER A 336 7.84 -18.39 -30.41
N ARG A 337 8.98 -18.77 -29.85
CA ARG A 337 9.10 -19.05 -28.42
C ARG A 337 8.89 -17.79 -27.59
N GLN A 338 9.47 -16.67 -28.04
CA GLN A 338 9.29 -15.38 -27.38
C GLN A 338 7.89 -14.82 -27.57
N LYS A 339 7.31 -15.02 -28.77
CA LYS A 339 5.90 -14.68 -29.01
C LYS A 339 4.99 -15.32 -27.94
N LYS A 340 5.15 -16.63 -27.76
CA LYS A 340 4.35 -17.42 -26.80
C LYS A 340 4.52 -16.96 -25.36
N ILE A 341 5.74 -16.56 -25.00
CA ILE A 341 6.02 -16.03 -23.66
C ILE A 341 5.28 -14.71 -23.43
N LEU A 342 5.29 -13.82 -24.41
CA LEU A 342 4.60 -12.54 -24.29
C LEU A 342 3.08 -12.72 -24.28
N GLU A 343 2.57 -13.58 -25.18
CA GLU A 343 1.14 -13.89 -25.24
C GLU A 343 0.62 -14.51 -23.95
N GLU A 344 1.38 -15.46 -23.37
CA GLU A 344 1.02 -16.06 -22.08
C GLU A 344 1.01 -15.05 -20.93
N ALA A 345 1.95 -14.10 -20.96
CA ALA A 345 2.00 -13.04 -19.96
C ALA A 345 0.74 -12.17 -20.00
N HIS A 346 0.28 -11.81 -21.20
CA HIS A 346 -0.99 -11.07 -21.34
C HIS A 346 -2.15 -11.85 -20.74
N GLU A 347 -2.19 -13.14 -21.05
CA GLU A 347 -3.29 -14.01 -20.62
C GLU A 347 -3.43 -14.14 -19.10
N LEU A 348 -2.38 -13.80 -18.35
CA LEU A 348 -2.48 -13.65 -16.90
C LEU A 348 -3.55 -12.64 -16.49
N SER A 349 -3.73 -11.59 -17.32
CA SER A 349 -4.68 -10.52 -17.05
C SER A 349 -6.11 -10.79 -17.49
N GLU A 350 -6.35 -11.81 -18.31
CA GLU A 350 -7.68 -12.08 -18.87
C GLU A 350 -8.65 -12.61 -17.81
N ASP A 351 -9.93 -12.32 -18.00
CA ASP A 351 -11.00 -12.74 -17.07
CA ASP A 351 -11.00 -12.74 -17.07
C ASP A 351 -10.69 -12.31 -15.63
N HIS A 352 -10.48 -11.00 -15.45
CA HIS A 352 -10.22 -10.41 -14.14
C HIS A 352 -9.03 -11.04 -13.41
N TYR A 353 -7.92 -11.16 -14.14
CA TYR A 353 -6.65 -11.68 -13.60
C TYR A 353 -6.72 -13.11 -13.00
N LYS A 354 -7.55 -13.95 -13.61
CA LYS A 354 -7.78 -15.33 -13.15
C LYS A 354 -6.50 -16.16 -13.07
N LYS A 355 -5.77 -16.22 -14.16
CA LYS A 355 -4.51 -16.97 -14.23
C LYS A 355 -3.39 -16.33 -13.40
N TYR A 356 -3.36 -15.00 -13.33
CA TYR A 356 -2.42 -14.31 -12.44
C TYR A 356 -2.63 -14.74 -10.98
N LEU A 357 -3.88 -14.67 -10.51
CA LEU A 357 -4.22 -15.06 -9.13
C LEU A 357 -3.91 -16.53 -8.88
N ALA A 358 -4.23 -17.41 -9.84
CA ALA A 358 -3.85 -18.82 -9.73
C ALA A 358 -2.33 -18.99 -9.63
N LYS A 359 -1.58 -18.20 -10.38
CA LYS A 359 -0.10 -18.23 -10.35
C LYS A 359 0.46 -17.75 -9.00
N LEU A 360 -0.13 -16.68 -8.47
CA LEU A 360 0.33 -16.07 -7.21
C LEU A 360 0.14 -16.95 -5.98
N ARG A 361 -0.99 -17.64 -5.90
CA ARG A 361 -1.30 -18.53 -4.77
CA ARG A 361 -1.30 -18.55 -4.78
C ARG A 361 -0.49 -19.84 -4.81
N SER A 362 0.03 -20.21 -5.99
CA SER A 362 0.78 -21.46 -6.18
C SER A 362 2.30 -21.35 -5.96
N ILE A 363 2.91 -20.24 -6.40
CA ILE A 363 4.37 -20.07 -6.32
C ILE A 363 4.91 -19.92 -4.89
N ASN A 364 6.21 -20.17 -4.74
CA ASN A 364 6.91 -20.03 -3.46
C ASN A 364 7.66 -18.71 -3.40
N PRO A 365 7.75 -18.09 -2.18
CA PRO A 365 8.52 -16.86 -2.01
C PRO A 365 9.99 -16.96 -2.46
N PRO A 366 10.65 -15.85 -2.78
CA PRO A 366 10.10 -14.50 -2.73
C PRO A 366 9.39 -14.08 -4.03
N CYS A 367 8.46 -13.13 -3.93
CA CYS A 367 7.74 -12.62 -5.09
C CYS A 367 7.47 -11.11 -4.96
N VAL A 368 7.15 -10.47 -6.08
CA VAL A 368 6.57 -9.12 -6.09
C VAL A 368 5.21 -9.21 -6.80
N PRO A 369 4.11 -9.07 -6.04
CA PRO A 369 2.79 -9.10 -6.66
C PRO A 369 2.54 -7.92 -7.58
N PHE A 370 1.69 -8.14 -8.59
CA PHE A 370 1.23 -7.07 -9.46
C PHE A 370 0.43 -6.07 -8.63
N PHE A 371 1.01 -4.90 -8.43
CA PHE A 371 0.41 -3.91 -7.55
C PHE A 371 -0.83 -3.26 -8.14
N GLY A 372 -0.86 -3.09 -9.47
CA GLY A 372 -1.97 -2.43 -10.16
C GLY A 372 -3.37 -2.96 -9.88
N ILE A 373 -3.50 -4.28 -9.72
CA ILE A 373 -4.81 -4.90 -9.51
C ILE A 373 -5.46 -4.51 -8.17
N TYR A 374 -4.64 -4.28 -7.14
CA TYR A 374 -5.16 -3.80 -5.84
C TYR A 374 -5.77 -2.40 -5.95
N LEU A 375 -5.10 -1.51 -6.67
CA LEU A 375 -5.60 -0.15 -6.90
C LEU A 375 -6.92 -0.16 -7.67
N THR A 376 -6.99 -1.00 -8.69
CA THR A 376 -8.21 -1.14 -9.48
C THR A 376 -9.37 -1.62 -8.62
N ASN A 377 -9.13 -2.66 -7.82
CA ASN A 377 -10.18 -3.24 -6.97
C ASN A 377 -10.57 -2.33 -5.79
N ILE A 378 -9.59 -1.62 -5.22
CA ILE A 378 -9.89 -0.62 -4.19
C ILE A 378 -10.73 0.52 -4.75
N LEU A 379 -10.38 1.01 -5.94
CA LEU A 379 -11.15 2.08 -6.60
C LEU A 379 -12.59 1.64 -6.87
N LYS A 380 -12.77 0.41 -7.32
CA LYS A 380 -14.10 -0.16 -7.53
C LYS A 380 -14.90 -0.22 -6.24
N THR A 381 -14.26 -0.66 -5.17
CA THR A 381 -14.89 -0.72 -3.85
C THR A 381 -15.27 0.70 -3.35
N GLU A 382 -14.34 1.65 -3.50
CA GLU A 382 -14.58 3.04 -3.08
C GLU A 382 -15.74 3.70 -3.83
N GLU A 383 -15.79 3.48 -5.14
CA GLU A 383 -16.83 4.06 -5.99
C GLU A 383 -18.16 3.28 -5.96
N GLY A 384 -18.11 2.00 -5.58
CA GLY A 384 -19.30 1.13 -5.58
C GLY A 384 -20.08 1.07 -4.28
N ASN A 385 -19.58 1.75 -3.24
CA ASN A 385 -20.21 1.76 -1.91
C ASN A 385 -20.31 3.19 -1.40
N PRO A 386 -21.41 3.53 -0.71
CA PRO A 386 -21.57 4.90 -0.22
C PRO A 386 -20.73 5.17 1.03
N GLU A 387 -20.39 6.43 1.24
CA GLU A 387 -19.64 6.87 2.43
C GLU A 387 -20.45 6.68 3.70
N VAL A 388 -21.75 6.96 3.63
CA VAL A 388 -22.65 6.86 4.79
C VAL A 388 -23.86 5.99 4.49
N LEU A 389 -24.50 5.51 5.56
CA LEU A 389 -25.78 4.81 5.51
C LEU A 389 -26.80 5.66 6.26
N LYS A 390 -28.09 5.44 5.97
CA LYS A 390 -29.18 6.16 6.61
C LYS A 390 -30.15 5.21 7.31
N ARG A 391 -30.34 5.41 8.61
CA ARG A 391 -31.42 4.79 9.36
C ARG A 391 -32.20 5.90 10.08
N HIS A 392 -33.51 5.97 9.81
CA HIS A 392 -34.41 6.92 10.47
C HIS A 392 -33.97 8.38 10.34
N GLY A 393 -33.51 8.76 9.15
CA GLY A 393 -33.15 10.15 8.84
C GLY A 393 -31.82 10.65 9.40
N LYS A 394 -30.96 9.74 9.86
CA LYS A 394 -29.67 10.09 10.47
C LYS A 394 -28.53 9.38 9.73
N GLU A 395 -27.44 10.12 9.48
CA GLU A 395 -26.30 9.57 8.74
C GLU A 395 -25.37 8.76 9.65
N LEU A 396 -24.96 7.59 9.19
CA LEU A 396 -24.04 6.71 9.89
C LEU A 396 -22.88 6.33 8.98
N ILE A 397 -21.65 6.45 9.48
CA ILE A 397 -20.45 6.13 8.70
C ILE A 397 -20.49 4.66 8.28
N ASN A 398 -20.25 4.41 6.99
CA ASN A 398 -20.31 3.05 6.43
C ASN A 398 -18.99 2.35 6.72
N PHE A 399 -18.93 1.65 7.84
CA PHE A 399 -17.68 1.00 8.25
C PHE A 399 -17.39 -0.26 7.42
N SER A 400 -18.43 -1.03 7.07
CA SER A 400 -18.27 -2.19 6.17
C SER A 400 -17.53 -1.86 4.88
N LYS A 401 -17.76 -0.67 4.34
CA LYS A 401 -17.00 -0.17 3.18
C LYS A 401 -15.51 -0.14 3.47
N ARG A 402 -15.16 0.43 4.63
CA ARG A 402 -13.76 0.52 5.05
C ARG A 402 -13.14 -0.86 5.31
N ARG A 403 -13.90 -1.76 5.94
CA ARG A 403 -13.42 -3.12 6.19
C ARG A 403 -13.09 -3.87 4.89
N LYS A 404 -13.99 -3.74 3.92
CA LYS A 404 -13.76 -4.27 2.56
C LYS A 404 -12.43 -3.80 1.97
N VAL A 405 -12.21 -2.50 2.01
CA VAL A 405 -10.96 -1.93 1.51
C VAL A 405 -9.78 -2.43 2.33
N ALA A 406 -9.94 -2.48 3.66
CA ALA A 406 -8.89 -2.99 4.56
C ALA A 406 -8.52 -4.45 4.26
N GLU A 407 -9.52 -5.26 3.89
CA GLU A 407 -9.28 -6.65 3.50
C GLU A 407 -8.41 -6.77 2.23
N ILE A 408 -8.61 -5.86 1.28
CA ILE A 408 -7.77 -5.82 0.07
C ILE A 408 -6.35 -5.40 0.42
N THR A 409 -6.20 -4.42 1.31
CA THR A 409 -4.85 -4.02 1.77
C THR A 409 -4.18 -5.12 2.60
N GLY A 410 -4.97 -5.92 3.32
CA GLY A 410 -4.46 -7.10 4.01
C GLY A 410 -3.79 -8.10 3.08
N GLU A 411 -4.37 -8.27 1.89
CA GLU A 411 -3.76 -9.13 0.87
C GLU A 411 -2.38 -8.61 0.42
N ILE A 412 -2.26 -7.29 0.29
CA ILE A 412 -0.98 -6.66 -0.07
C ILE A 412 0.08 -7.00 0.97
N GLN A 413 -0.26 -6.81 2.24
CA GLN A 413 0.69 -6.94 3.35
C GLN A 413 1.30 -8.32 3.49
N GLN A 414 0.55 -9.37 3.15
CA GLN A 414 1.02 -10.76 3.30
C GLN A 414 2.21 -11.16 2.38
N TYR A 415 2.59 -10.29 1.43
CA TYR A 415 3.76 -10.51 0.58
C TYR A 415 4.89 -9.48 0.81
N GLN A 416 4.79 -8.70 1.88
CA GLN A 416 5.75 -7.61 2.13
C GLN A 416 7.00 -7.98 2.94
N ASN A 417 7.13 -9.26 3.32
CA ASN A 417 8.32 -9.75 4.03
CA ASN A 417 8.33 -9.75 4.04
C ASN A 417 8.95 -10.93 3.28
N GLN A 418 9.26 -10.67 2.01
CA GLN A 418 9.85 -11.66 1.10
C GLN A 418 11.09 -11.07 0.42
N PRO A 419 12.19 -10.90 1.18
CA PRO A 419 13.43 -10.39 0.58
C PRO A 419 14.03 -11.35 -0.45
N TYR A 420 14.70 -10.79 -1.44
CA TYR A 420 15.37 -11.56 -2.48
C TYR A 420 16.84 -11.79 -2.12
N CYS A 421 17.36 -12.94 -2.51
CA CYS A 421 18.78 -13.22 -2.40
C CYS A 421 19.48 -12.77 -3.70
N LEU A 422 19.61 -11.45 -3.83
CA LEU A 422 20.21 -10.82 -5.02
C LEU A 422 21.04 -9.62 -4.59
N ARG A 423 22.25 -9.51 -5.12
CA ARG A 423 23.15 -8.42 -4.76
C ARG A 423 22.73 -7.11 -5.43
N VAL A 424 22.69 -6.04 -4.65
CA VAL A 424 22.44 -4.70 -5.17
C VAL A 424 23.66 -4.26 -5.97
N GLU A 425 23.40 -3.59 -7.10
CA GLU A 425 24.44 -2.92 -7.89
C GLU A 425 24.03 -1.45 -7.91
N SER A 426 24.76 -0.62 -7.18
CA SER A 426 24.34 0.75 -6.89
C SER A 426 24.17 1.63 -8.12
N ASP A 427 25.05 1.48 -9.12
CA ASP A 427 24.98 2.27 -10.35
C ASP A 427 23.78 1.90 -11.21
N ILE A 428 23.49 0.59 -11.34
CA ILE A 428 22.34 0.13 -12.14
C ILE A 428 21.02 0.54 -11.46
N LYS A 429 20.97 0.38 -10.14
CA LYS A 429 19.83 0.85 -9.33
C LYS A 429 19.52 2.32 -9.59
N ARG A 430 20.55 3.16 -9.55
CA ARG A 430 20.40 4.60 -9.74
C ARG A 430 19.92 4.94 -11.16
N PHE A 431 20.45 4.24 -12.15
CA PHE A 431 20.03 4.39 -13.54
C PHE A 431 18.51 4.18 -13.67
N PHE A 432 17.99 3.14 -13.04
CA PHE A 432 16.56 2.85 -13.07
C PHE A 432 15.71 3.76 -12.17
N GLU A 433 16.29 4.23 -11.05
CA GLU A 433 15.64 5.24 -10.20
C GLU A 433 15.52 6.61 -10.89
N ASN A 434 16.48 6.93 -11.75
CA ASN A 434 16.53 8.23 -12.43
C ASN A 434 15.93 8.23 -13.84
N LEU A 435 15.24 7.16 -14.24
CA LEU A 435 14.54 7.12 -15.54
C LEU A 435 13.55 8.28 -15.67
N ASN A 436 13.67 9.04 -16.74
CA ASN A 436 12.80 10.17 -17.03
C ASN A 436 12.49 10.24 -18.52
N PRO A 437 11.72 9.25 -19.04
CA PRO A 437 11.43 9.23 -20.48
C PRO A 437 10.62 10.41 -21.00
N MET A 438 9.72 10.96 -20.19
CA MET A 438 8.89 12.10 -20.59
C MET A 438 9.68 13.41 -20.69
N GLY A 439 10.78 13.49 -19.94
CA GLY A 439 11.59 14.71 -19.89
C GLY A 439 10.76 15.78 -19.21
N ASN A 440 10.57 16.91 -19.90
CA ASN A 440 9.67 17.97 -19.43
C ASN A 440 8.22 17.86 -19.94
N SER A 441 7.95 16.87 -20.79
CA SER A 441 6.60 16.69 -21.32
C SER A 441 5.64 16.14 -20.26
N MET A 442 4.36 16.47 -20.39
CA MET A 442 3.30 15.83 -19.61
C MET A 442 2.99 14.48 -20.29
N GLU A 443 2.41 13.56 -19.53
CA GLU A 443 2.23 12.18 -20.01
C GLU A 443 1.35 12.05 -21.25
N LYS A 444 0.20 12.73 -21.25
CA LYS A 444 -0.75 12.67 -22.38
C LYS A 444 -0.09 13.12 -23.68
N GLU A 445 0.62 14.24 -23.63
CA GLU A 445 1.34 14.76 -24.81
C GLU A 445 2.50 13.86 -25.21
N PHE A 446 3.18 13.27 -24.22
CA PHE A 446 4.26 12.33 -24.50
C PHE A 446 3.77 11.04 -25.18
N THR A 447 2.66 10.48 -24.71
CA THR A 447 2.07 9.29 -25.36
C THR A 447 1.55 9.62 -26.77
N ASP A 448 1.05 10.84 -26.98
CA ASP A 448 0.74 11.32 -28.34
C ASP A 448 1.99 11.34 -29.23
N TYR A 449 3.10 11.82 -28.69
CA TYR A 449 4.40 11.81 -29.40
C TYR A 449 4.85 10.38 -29.75
N LEU A 450 4.79 9.48 -28.77
CA LEU A 450 5.13 8.06 -29.01
C LEU A 450 4.26 7.46 -30.13
N PHE A 451 2.96 7.75 -30.08
CA PHE A 451 2.03 7.26 -31.10
C PHE A 451 2.37 7.78 -32.49
N ASN A 452 2.61 9.09 -32.59
CA ASN A 452 3.03 9.71 -33.86
C ASN A 452 4.35 9.13 -34.36
N LYS A 453 5.28 8.83 -33.45
CA LYS A 453 6.52 8.12 -33.80
C LYS A 453 6.24 6.73 -34.37
N SER A 454 5.30 6.01 -33.74
CA SER A 454 4.88 4.69 -34.23
C SER A 454 4.31 4.77 -35.65
N LEU A 455 3.52 5.80 -35.94
CA LEU A 455 3.01 6.02 -37.30
C LEU A 455 4.13 6.31 -38.30
N GLU A 456 5.16 7.04 -37.89
CA GLU A 456 6.31 7.31 -38.74
C GLU A 456 7.08 6.02 -39.11
N ILE A 457 7.43 5.22 -38.12
CA ILE A 457 8.27 4.02 -38.34
C ILE A 457 7.53 2.86 -39.03
N GLU A 458 6.23 2.72 -38.78
CA GLU A 458 5.39 1.75 -39.47
C GLU A 458 4.05 2.42 -39.85
N PRO A 459 4.02 3.14 -40.99
CA PRO A 459 2.81 3.84 -41.47
C PRO A 459 1.59 2.93 -41.63
N ARG A 460 0.39 3.48 -41.43
CA ARG A 460 -0.85 2.70 -41.56
CA ARG A 460 -0.87 2.72 -41.57
C ARG A 460 -0.97 2.01 -42.93
N ASN A 461 -1.66 0.87 -42.93
CA ASN A 461 -1.70 -0.10 -44.04
C ASN A 461 -1.62 0.36 -45.52
N PRO A 462 -2.42 1.38 -45.93
CA PRO A 462 -2.32 1.85 -47.32
C PRO A 462 -0.92 2.33 -47.75
N LYS A 463 -0.24 3.10 -46.87
CA LYS A 463 1.12 3.58 -47.16
C LYS A 463 2.13 2.42 -47.05
N PRO A 464 3.22 2.48 -47.84
CA PRO A 464 4.27 1.46 -47.75
C PRO A 464 5.19 1.66 -46.55
N LEU A 465 6.12 0.72 -46.33
CA LEU A 465 7.04 0.74 -45.19
C LEU A 465 8.43 1.27 -45.58
N PRO A 466 8.79 2.51 -45.14
CA PRO A 466 10.10 3.03 -45.47
C PRO A 466 11.20 2.43 -44.60
N ARG A 467 12.44 2.53 -45.09
CA ARG A 467 13.63 2.08 -44.36
C ARG A 467 14.25 3.22 -43.59
N PHE A 468 14.86 2.90 -42.45
CA PHE A 468 15.54 3.88 -41.61
C PHE A 468 16.96 3.39 -41.26
N PRO A 469 17.91 4.33 -41.06
CA PRO A 469 19.28 3.93 -40.76
C PRO A 469 19.44 3.42 -39.32
N LYS A 470 20.53 2.68 -39.09
CA LYS A 470 20.86 2.14 -37.77
C LYS A 470 21.34 3.26 -36.82
N LYS A 471 20.97 3.14 -35.54
CA LYS A 471 21.44 4.05 -34.48
C LYS A 471 22.48 3.45 -33.53
N TYR A 472 22.55 2.11 -33.45
CA TYR A 472 23.42 1.42 -32.49
C TYR A 472 24.72 0.97 -33.15
N SER A 473 25.85 1.42 -32.60
CA SER A 473 27.18 1.05 -33.11
C SER A 473 27.72 -0.28 -32.56
N TYR A 474 27.04 -0.85 -31.57
CA TYR A 474 27.50 -2.06 -30.85
C TYR A 474 26.66 -3.28 -31.26
N PRO A 475 27.12 -4.51 -30.96
CA PRO A 475 26.35 -5.69 -31.39
C PRO A 475 24.96 -5.79 -30.75
N LEU A 476 23.98 -6.21 -31.55
CA LEU A 476 22.60 -6.36 -31.10
C LEU A 476 22.30 -7.73 -30.50
N LYS A 477 23.15 -8.72 -30.77
CA LYS A 477 23.01 -10.08 -30.25
C LYS A 477 22.89 -10.04 -28.73
N SER A 478 21.88 -10.74 -28.21
CA SER A 478 21.66 -10.85 -26.78
C SER A 478 22.61 -11.89 -26.20
N PRO A 479 23.10 -11.65 -24.95
CA PRO A 479 23.86 -12.68 -24.26
C PRO A 479 23.00 -13.83 -23.71
N GLY A 480 21.67 -13.69 -23.74
CA GLY A 480 20.74 -14.72 -23.28
C GLY A 480 20.32 -14.48 -21.85
N VAL A 481 19.46 -15.37 -21.35
CA VAL A 481 18.91 -15.26 -19.99
C VAL A 481 19.36 -16.37 -19.02
N ARG A 482 20.27 -17.24 -19.47
CA ARG A 482 20.84 -18.28 -18.61
C ARG A 482 22.06 -17.72 -17.86
N PRO A 483 22.08 -17.83 -16.52
CA PRO A 483 23.14 -17.18 -15.74
C PRO A 483 24.48 -17.89 -15.83
N SER A 484 25.57 -17.13 -15.84
CA SER A 484 26.92 -17.68 -15.80
C SER A 484 27.32 -18.00 -14.36
N ASN A 485 27.26 -19.28 -14.01
CA ASN A 485 27.68 -19.74 -12.67
C ASN A 485 29.19 -19.68 -12.52
#